data_4RND
#
_entry.id   4RND
#
_cell.length_a   168.063
_cell.length_b   168.063
_cell.length_c   128.629
_cell.angle_alpha   90.00
_cell.angle_beta   90.00
_cell.angle_gamma   120.00
#
_symmetry.space_group_name_H-M   'P 61'
#
loop_
_entity.id
_entity.type
_entity.pdbx_description
1 polymer 'V-type proton ATPase subunit D'
2 polymer 'V-type proton ATPase subunit F'
3 non-polymer GLYCEROL
4 water water
#
loop_
_entity_poly.entity_id
_entity_poly.type
_entity_poly.pdbx_seq_one_letter_code
_entity_poly.pdbx_strand_id
1 'polypeptide(L)'
;MSGNREQVFPTRMTLGLMKTKLKGANQGYSLLKRKSEALTKRFRDITKRIDDAKQKMGRVMQTAAFSLAEVSYATGENIG
YQVQESVSTARFKVRARQENVSGVYLSQFESYIDPEINDFRLTGLGRGGQQVQRAKEIYSRAVETLVELASLQTAFIILD
EVIKVTNRRVNAIEHVIIPRTENTIAYINSELDELDREEFYRLKKVQEKKQNETAKLDAEMKLKRDRAEQDASEVAADEE
PQGETLVADQEDDVIF
;
A,C
2 'polypeptide(L)'
;MAEKRTLIAVIADEDTTTGLLLAGIGQITPETQEKNFFVYQEGKTTKEEITDKFNHFTEERDDIAILLINQHIAENIRAR
VDSFTNAFPAILEIPSKDHPYDPEKDSVLKRVRKLFGE
;
B,D
#
loop_
_chem_comp.id
_chem_comp.type
_chem_comp.name
_chem_comp.formula
GOL non-polymer GLYCEROL 'C3 H8 O3'
#
# COMPACT_ATOMS: atom_id res chain seq x y z
N GLN A 27 -13.22 -8.80 12.91
CA GLN A 27 -13.51 -7.83 11.82
C GLN A 27 -12.26 -7.56 10.98
N GLY A 28 -12.49 -7.41 9.68
CA GLY A 28 -11.42 -7.17 8.72
C GLY A 28 -11.84 -6.03 7.83
N TYR A 29 -12.49 -6.35 6.71
CA TYR A 29 -12.93 -5.32 5.79
C TYR A 29 -13.83 -4.33 6.50
N SER A 30 -14.87 -4.84 7.17
CA SER A 30 -15.80 -3.98 7.90
C SER A 30 -15.07 -3.05 8.88
N LEU A 31 -13.93 -3.51 9.40
CA LEU A 31 -13.09 -2.71 10.30
C LEU A 31 -12.25 -1.67 9.53
N LEU A 32 -11.36 -2.16 8.66
CA LEU A 32 -10.62 -1.32 7.72
C LEU A 32 -11.49 -0.20 7.19
N LYS A 33 -12.66 -0.53 6.67
CA LYS A 33 -13.57 0.45 6.09
C LYS A 33 -13.79 1.61 7.05
N ARG A 34 -14.13 1.28 8.30
CA ARG A 34 -14.39 2.28 9.34
C ARG A 34 -13.15 3.13 9.65
N LYS A 35 -12.02 2.47 9.87
CA LYS A 35 -10.79 3.17 10.20
C LYS A 35 -10.31 4.03 9.05
N SER A 36 -10.23 3.45 7.87
CA SER A 36 -9.95 4.19 6.65
C SER A 36 -10.68 5.52 6.59
N GLU A 37 -11.97 5.49 6.92
CA GLU A 37 -12.82 6.66 6.80
C GLU A 37 -12.56 7.67 7.91
N ALA A 38 -12.56 7.19 9.16
CA ALA A 38 -12.14 8.00 10.31
C ALA A 38 -10.83 8.75 10.03
N LEU A 39 -9.87 8.02 9.48
CA LEU A 39 -8.55 8.57 9.17
C LEU A 39 -8.58 9.62 8.07
N THR A 40 -9.42 9.43 7.06
CA THR A 40 -9.50 10.35 5.94
C THR A 40 -10.12 11.67 6.36
N LYS A 41 -11.03 11.63 7.32
CA LYS A 41 -11.61 12.86 7.90
C LYS A 41 -10.57 13.60 8.72
N ARG A 42 -9.82 12.88 9.55
CA ARG A 42 -8.76 13.50 10.33
C ARG A 42 -7.74 14.19 9.45
N PHE A 43 -7.43 13.56 8.33
CA PHE A 43 -6.45 14.11 7.40
C PHE A 43 -7.02 15.27 6.61
N ARG A 44 -8.31 15.22 6.28
CA ARG A 44 -8.96 16.37 5.66
C ARG A 44 -8.90 17.60 6.55
N ASP A 45 -9.08 17.41 7.86
CA ASP A 45 -9.05 18.52 8.81
C ASP A 45 -7.67 19.12 8.91
N ILE A 46 -6.66 18.26 9.09
CA ILE A 46 -5.28 18.70 9.14
C ILE A 46 -4.94 19.57 7.93
N THR A 47 -5.26 19.05 6.76
CA THR A 47 -4.98 19.73 5.52
C THR A 47 -5.70 21.04 5.47
N LYS A 48 -6.92 21.10 5.97
CA LYS A 48 -7.65 22.35 5.98
C LYS A 48 -6.97 23.36 6.91
N ARG A 49 -6.63 22.92 8.12
CA ARG A 49 -5.93 23.79 9.08
C ARG A 49 -4.56 24.27 8.59
N ILE A 50 -3.87 23.45 7.81
CA ILE A 50 -2.62 23.89 7.20
C ILE A 50 -2.88 24.97 6.16
N ASP A 51 -3.93 24.81 5.38
CA ASP A 51 -4.31 25.83 4.41
C ASP A 51 -4.69 27.14 5.13
N ASP A 52 -5.49 27.04 6.19
CA ASP A 52 -5.84 28.21 6.99
C ASP A 52 -4.60 28.95 7.48
N ALA A 53 -3.63 28.18 7.98
CA ALA A 53 -2.37 28.74 8.46
C ALA A 53 -1.61 29.43 7.35
N LYS A 54 -1.62 28.83 6.17
CA LYS A 54 -0.93 29.36 5.00
C LYS A 54 -1.48 30.72 4.57
N GLN A 55 -2.79 30.87 4.67
CA GLN A 55 -3.45 32.12 4.30
C GLN A 55 -3.10 33.23 5.27
N LYS A 56 -3.18 32.91 6.56
CA LYS A 56 -2.84 33.87 7.61
C LYS A 56 -1.42 34.34 7.45
N MET A 57 -0.50 33.41 7.17
CA MET A 57 0.89 33.74 6.86
C MET A 57 0.95 34.85 5.81
N GLY A 58 0.18 34.68 4.73
CA GLY A 58 0.09 35.68 3.68
C GLY A 58 -0.39 37.03 4.15
N ARG A 59 -1.45 37.03 4.94
CA ARG A 59 -2.04 38.28 5.44
C ARG A 59 -1.09 38.96 6.41
N VAL A 60 -0.50 38.16 7.30
CA VAL A 60 0.39 38.70 8.33
C VAL A 60 1.59 39.36 7.69
N MET A 61 2.17 38.69 6.70
CA MET A 61 3.38 39.18 6.07
C MET A 61 3.17 40.41 5.20
N GLN A 62 2.05 40.45 4.46
CA GLN A 62 1.80 41.61 3.61
C GLN A 62 1.48 42.84 4.44
N THR A 63 0.76 42.65 5.54
CA THR A 63 0.44 43.74 6.44
C THR A 63 1.72 44.35 6.97
N ALA A 64 2.66 43.50 7.36
CA ALA A 64 3.95 43.97 7.85
C ALA A 64 4.68 44.73 6.76
N ALA A 65 4.63 44.19 5.54
CA ALA A 65 5.29 44.81 4.38
C ALA A 65 4.70 46.19 4.07
N PHE A 66 3.37 46.29 4.09
CA PHE A 66 2.68 47.55 3.92
C PHE A 66 3.16 48.59 4.96
N SER A 67 3.40 48.20 6.21
CA SER A 67 3.82 49.17 7.23
C SER A 67 5.25 49.66 7.03
N LEU A 68 6.11 48.84 6.41
CA LEU A 68 7.46 49.28 6.05
C LEU A 68 7.40 50.26 4.89
N ALA A 69 6.52 49.98 3.93
CA ALA A 69 6.26 50.89 2.82
C ALA A 69 5.85 52.27 3.34
N GLU A 70 4.83 52.29 4.19
CA GLU A 70 4.38 53.50 4.87
C GLU A 70 5.54 54.32 5.44
N VAL A 71 6.44 53.64 6.15
CA VAL A 71 7.56 54.32 6.81
C VAL A 71 8.59 54.80 5.79
N SER A 72 8.87 53.94 4.83
CA SER A 72 9.80 54.27 3.76
C SER A 72 9.34 55.51 2.99
N TYR A 73 8.06 55.51 2.62
CA TYR A 73 7.43 56.64 1.93
C TYR A 73 7.51 57.91 2.77
N ALA A 74 7.11 57.80 4.03
CA ALA A 74 7.08 58.94 4.94
C ALA A 74 8.45 59.53 5.20
N THR A 75 9.46 58.67 5.38
CA THR A 75 10.80 59.12 5.76
C THR A 75 11.73 59.38 4.58
N GLY A 76 11.39 58.89 3.40
CA GLY A 76 12.28 58.98 2.26
C GLY A 76 13.38 57.92 2.26
N GLU A 77 13.60 57.25 3.38
CA GLU A 77 14.60 56.19 3.47
C GLU A 77 14.19 54.93 2.72
N ASN A 78 15.17 54.20 2.23
CA ASN A 78 14.94 52.96 1.48
C ASN A 78 15.26 51.75 2.37
N ILE A 79 14.24 51.19 3.01
CA ILE A 79 14.43 50.14 4.00
C ILE A 79 15.04 48.90 3.37
N GLY A 80 14.45 48.45 2.27
CA GLY A 80 14.95 47.29 1.55
C GLY A 80 16.43 47.37 1.23
N TYR A 81 16.87 48.55 0.83
CA TYR A 81 18.30 48.78 0.57
C TYR A 81 19.11 48.59 1.85
N GLN A 82 18.77 49.37 2.87
CA GLN A 82 19.48 49.35 4.14
C GLN A 82 19.55 47.95 4.74
N VAL A 83 18.43 47.25 4.76
CA VAL A 83 18.39 45.92 5.33
C VAL A 83 19.37 45.01 4.59
N GLN A 84 19.16 44.89 3.29
CA GLN A 84 19.92 43.96 2.44
C GLN A 84 21.42 44.26 2.42
N GLU A 85 21.77 45.54 2.40
CA GLU A 85 23.19 45.89 2.33
C GLU A 85 23.92 45.71 3.68
N SER A 86 23.19 45.66 4.79
CA SER A 86 23.79 45.41 6.11
C SER A 86 23.96 43.94 6.51
N VAL A 87 23.46 43.04 5.69
CA VAL A 87 23.57 41.62 5.98
C VAL A 87 25.03 41.23 6.09
N SER A 88 25.36 40.42 7.11
CA SER A 88 26.71 39.89 7.25
C SER A 88 26.68 38.44 7.73
N THR A 89 26.28 38.24 8.99
CA THR A 89 26.20 36.91 9.58
C THR A 89 24.85 36.69 10.27
N ALA A 90 24.32 35.47 10.20
CA ALA A 90 22.93 35.18 10.61
C ALA A 90 22.68 35.19 12.13
N ARG A 91 21.72 36.01 12.53
CA ARG A 91 21.18 35.97 13.88
C ARG A 91 20.22 34.78 14.04
N PHE A 92 19.41 34.53 13.02
CA PHE A 92 18.39 33.49 13.03
C PHE A 92 18.84 32.27 12.23
N LYS A 93 19.18 31.21 12.94
CA LYS A 93 19.58 29.96 12.29
C LYS A 93 18.62 28.86 12.70
N VAL A 94 18.84 27.64 12.22
CA VAL A 94 18.09 26.47 12.69
C VAL A 94 19.04 25.33 12.98
N ARG A 95 18.49 24.30 13.62
CA ARG A 95 19.24 23.11 13.98
C ARG A 95 18.39 21.95 13.51
N ALA A 96 18.92 21.21 12.53
CA ALA A 96 18.15 20.22 11.79
C ALA A 96 18.43 18.79 12.24
N ARG A 97 17.36 18.03 12.42
CA ARG A 97 17.45 16.69 12.99
C ARG A 97 16.66 15.77 12.08
N GLN A 98 17.10 14.52 11.99
CA GLN A 98 16.23 13.46 11.48
C GLN A 98 15.78 12.57 12.64
N GLU A 99 14.48 12.37 12.74
CA GLU A 99 13.90 11.66 13.86
C GLU A 99 13.10 10.46 13.36
N ASN A 100 13.48 9.26 13.81
CA ASN A 100 12.73 8.05 13.52
C ASN A 100 11.47 7.99 14.39
N VAL A 101 10.32 7.88 13.74
CA VAL A 101 9.03 7.84 14.43
C VAL A 101 8.18 6.72 13.82
N SER A 102 8.10 5.60 14.55
CA SER A 102 7.32 4.43 14.12
C SER A 102 7.74 3.94 12.74
N GLY A 103 9.04 4.00 12.45
CA GLY A 103 9.58 3.47 11.22
C GLY A 103 9.93 4.55 10.22
N VAL A 104 9.08 5.55 10.08
CA VAL A 104 9.33 6.63 9.12
C VAL A 104 10.26 7.68 9.71
N TYR A 105 11.21 8.10 8.88
CA TYR A 105 12.17 9.14 9.25
C TYR A 105 11.59 10.50 8.89
N LEU A 106 11.61 11.40 9.86
CA LEU A 106 11.08 12.74 9.70
C LEU A 106 12.14 13.79 9.94
N SER A 107 12.07 14.86 9.16
CA SER A 107 12.97 16.00 9.34
C SER A 107 12.31 16.98 10.30
N GLN A 108 12.99 17.30 11.39
CA GLN A 108 12.53 18.31 12.34
C GLN A 108 13.52 19.47 12.43
N PHE A 109 12.98 20.66 12.74
CA PHE A 109 13.79 21.86 12.83
C PHE A 109 13.49 22.64 14.10
N GLU A 110 14.55 23.17 14.71
CA GLU A 110 14.41 24.05 15.84
C GLU A 110 15.17 25.29 15.53
N SER A 111 14.51 26.44 15.63
CA SER A 111 15.18 27.69 15.40
C SER A 111 16.12 27.97 16.54
N TYR A 112 17.28 28.52 16.22
CA TYR A 112 18.11 29.04 17.29
C TYR A 112 18.62 30.42 16.93
N ILE A 113 18.72 31.26 17.94
CA ILE A 113 18.98 32.66 17.75
C ILE A 113 20.29 33.02 18.42
N ASP A 114 21.30 33.30 17.61
CA ASP A 114 22.62 33.70 18.07
C ASP A 114 22.55 35.10 18.71
N PRO A 115 22.86 35.21 20.01
CA PRO A 115 22.79 36.51 20.68
C PRO A 115 24.07 37.34 20.52
N GLU A 116 25.15 36.69 20.07
CA GLU A 116 26.41 37.36 19.73
C GLU A 116 26.21 38.37 18.59
N ILE A 117 25.32 38.03 17.64
CA ILE A 117 25.02 38.89 16.52
C ILE A 117 23.99 39.94 16.92
N ASN A 118 24.27 41.19 16.58
CA ASN A 118 23.37 42.32 16.81
C ASN A 118 22.24 42.45 15.80
N ASP A 119 21.25 43.25 16.16
CA ASP A 119 20.16 43.61 15.25
C ASP A 119 20.63 44.71 14.29
N PHE A 120 19.79 45.00 13.30
CA PHE A 120 20.04 46.09 12.38
C PHE A 120 19.80 47.42 13.07
N ARG A 121 20.59 48.42 12.71
CA ARG A 121 20.42 49.77 13.24
C ARG A 121 20.18 50.69 12.05
N LEU A 122 18.92 50.73 11.63
CA LEU A 122 18.54 51.49 10.44
C LEU A 122 18.56 53.00 10.72
N THR A 123 19.07 53.77 9.77
CA THR A 123 19.28 55.20 9.98
C THR A 123 18.38 56.11 9.14
N GLY A 124 17.92 57.20 9.76
CA GLY A 124 17.15 58.23 9.08
C GLY A 124 15.64 58.05 9.17
N LEU A 125 15.18 57.27 10.13
CA LEU A 125 13.75 56.95 10.25
C LEU A 125 13.03 57.82 11.29
N GLY A 126 13.73 58.23 12.33
CA GLY A 126 13.15 59.05 13.39
C GLY A 126 12.02 58.32 14.09
N ARG A 127 10.83 58.94 14.09
CA ARG A 127 9.64 58.33 14.68
C ARG A 127 9.28 57.01 14.02
N GLY A 128 9.49 56.93 12.70
CA GLY A 128 9.24 55.71 11.95
C GLY A 128 10.03 54.50 12.41
N GLY A 129 11.13 54.73 13.14
CA GLY A 129 11.95 53.66 13.67
C GLY A 129 11.22 52.66 14.54
N GLN A 130 10.24 53.12 15.31
CA GLN A 130 9.46 52.22 16.16
C GLN A 130 8.51 51.34 15.36
N GLN A 131 7.95 51.88 14.29
CA GLN A 131 7.14 51.08 13.40
C GLN A 131 7.91 49.92 12.82
N VAL A 132 9.17 50.20 12.49
CA VAL A 132 10.02 49.20 11.86
C VAL A 132 10.42 48.16 12.88
N GLN A 133 10.72 48.63 14.10
CA GLN A 133 10.99 47.76 15.21
C GLN A 133 9.90 46.73 15.40
N ARG A 134 8.66 47.19 15.41
CA ARG A 134 7.53 46.32 15.60
C ARG A 134 7.35 45.35 14.45
N ALA A 135 7.59 45.80 13.23
CA ALA A 135 7.51 44.92 12.06
C ALA A 135 8.57 43.82 12.14
N LYS A 136 9.76 44.19 12.59
CA LYS A 136 10.83 43.23 12.78
C LYS A 136 10.42 42.19 13.79
N GLU A 137 9.83 42.63 14.91
CA GLU A 137 9.29 41.73 15.94
C GLU A 137 8.33 40.72 15.31
N ILE A 138 7.41 41.21 14.50
CA ILE A 138 6.43 40.38 13.78
C ILE A 138 7.09 39.38 12.83
N TYR A 139 7.95 39.87 11.94
CA TYR A 139 8.61 38.98 10.98
C TYR A 139 9.38 37.86 11.65
N SER A 140 10.03 38.16 12.77
CA SER A 140 10.75 37.15 13.53
C SER A 140 9.85 36.03 14.00
N ARG A 141 8.71 36.42 14.56
CA ARG A 141 7.73 35.45 15.04
C ARG A 141 7.10 34.69 13.88
N ALA A 142 6.90 35.36 12.75
CA ALA A 142 6.39 34.71 11.55
C ALA A 142 7.37 33.67 11.03
N VAL A 143 8.64 34.02 10.96
CA VAL A 143 9.69 33.09 10.51
C VAL A 143 9.75 31.86 11.42
N GLU A 144 9.67 32.06 12.72
CA GLU A 144 9.59 30.96 13.65
C GLU A 144 8.44 30.02 13.32
N THR A 145 7.32 30.61 12.94
CA THR A 145 6.17 29.86 12.52
C THR A 145 6.46 29.05 11.25
N LEU A 146 7.24 29.60 10.32
CA LEU A 146 7.67 28.84 9.12
C LEU A 146 8.56 27.66 9.45
N VAL A 147 9.46 27.85 10.42
CA VAL A 147 10.31 26.77 10.86
C VAL A 147 9.46 25.62 11.39
N GLU A 148 8.36 25.94 12.06
CA GLU A 148 7.46 24.89 12.55
C GLU A 148 6.67 24.23 11.42
N LEU A 149 6.21 24.99 10.43
CA LEU A 149 5.56 24.41 9.25
C LEU A 149 6.51 23.52 8.50
N ALA A 150 7.77 23.94 8.38
CA ALA A 150 8.77 23.13 7.70
C ALA A 150 8.92 21.82 8.42
N SER A 151 8.98 21.85 9.75
CA SER A 151 9.07 20.63 10.54
C SER A 151 7.86 19.72 10.33
N LEU A 152 6.72 20.33 10.10
CA LEU A 152 5.48 19.60 9.86
C LEU A 152 5.50 18.87 8.51
N GLN A 153 6.30 19.34 7.56
CA GLN A 153 6.27 18.85 6.16
C GLN A 153 6.41 17.35 5.90
N THR A 154 7.52 16.75 6.32
CA THR A 154 7.76 15.33 6.11
C THR A 154 6.60 14.49 6.65
N ALA A 155 6.09 14.86 7.82
CA ALA A 155 4.95 14.16 8.43
C ALA A 155 3.76 14.17 7.51
N PHE A 156 3.37 15.35 7.05
CA PHE A 156 2.24 15.47 6.16
C PHE A 156 2.44 14.73 4.85
N ILE A 157 3.65 14.78 4.29
CA ILE A 157 3.92 14.07 3.03
C ILE A 157 3.69 12.56 3.22
N ILE A 158 4.29 11.99 4.24
CA ILE A 158 4.10 10.57 4.55
C ILE A 158 2.63 10.30 4.77
N LEU A 159 2.03 11.09 5.64
CA LEU A 159 0.62 10.96 5.96
C LEU A 159 -0.25 11.01 4.72
N ASP A 160 0.11 11.85 3.76
CA ASP A 160 -0.62 11.98 2.50
C ASP A 160 -0.58 10.66 1.74
N GLU A 161 0.62 10.10 1.57
CA GLU A 161 0.77 8.88 0.81
C GLU A 161 0.09 7.71 1.50
N VAL A 162 0.09 7.66 2.84
CA VAL A 162 -0.58 6.58 3.57
C VAL A 162 -2.07 6.57 3.27
N ILE A 163 -2.70 7.74 3.35
CA ILE A 163 -4.13 7.89 3.06
C ILE A 163 -4.44 7.43 1.65
N LYS A 164 -3.63 7.88 0.70
CA LYS A 164 -3.83 7.57 -0.73
C LYS A 164 -3.79 6.06 -0.92
N VAL A 165 -2.71 5.44 -0.45
CA VAL A 165 -2.53 3.99 -0.53
C VAL A 165 -3.68 3.24 0.13
N THR A 166 -3.97 3.59 1.38
CA THR A 166 -5.05 2.94 2.09
C THR A 166 -6.38 2.98 1.32
N ASN A 167 -6.70 4.11 0.72
CA ASN A 167 -7.94 4.23 -0.04
C ASN A 167 -7.90 3.49 -1.36
N ARG A 168 -6.69 3.27 -1.88
CA ARG A 168 -6.50 2.46 -3.08
C ARG A 168 -6.85 1.00 -2.79
N ARG A 169 -6.37 0.49 -1.65
CA ARG A 169 -6.65 -0.88 -1.23
C ARG A 169 -8.14 -1.07 -1.06
N VAL A 170 -8.77 -0.16 -0.32
CA VAL A 170 -10.18 -0.29 -0.01
C VAL A 170 -11.03 -0.31 -1.28
N ASN A 171 -10.68 0.51 -2.27
CA ASN A 171 -11.39 0.49 -3.55
C ASN A 171 -11.16 -0.77 -4.36
N ALA A 172 -9.92 -1.25 -4.37
CA ALA A 172 -9.60 -2.50 -5.05
C ALA A 172 -10.47 -3.63 -4.54
N ILE A 173 -10.48 -3.79 -3.22
CA ILE A 173 -11.30 -4.80 -2.58
C ILE A 173 -12.74 -4.66 -3.01
N GLU A 174 -13.27 -3.46 -2.85
CA GLU A 174 -14.69 -3.18 -3.01
C GLU A 174 -15.14 -3.21 -4.47
N HIS A 175 -14.46 -2.42 -5.28
CA HIS A 175 -14.86 -2.20 -6.66
C HIS A 175 -14.15 -3.10 -7.68
N VAL A 176 -13.18 -3.93 -7.26
CA VAL A 176 -12.52 -4.83 -8.21
C VAL A 176 -12.47 -6.27 -7.72
N ILE A 177 -11.78 -6.51 -6.62
CA ILE A 177 -11.51 -7.86 -6.19
C ILE A 177 -12.78 -8.66 -5.87
N ILE A 178 -13.74 -8.05 -5.21
CA ILE A 178 -14.99 -8.73 -4.93
C ILE A 178 -15.72 -9.12 -6.22
N PRO A 179 -16.06 -8.14 -7.08
CA PRO A 179 -16.74 -8.51 -8.34
C PRO A 179 -16.01 -9.59 -9.15
N ARG A 180 -14.70 -9.47 -9.21
CA ARG A 180 -13.87 -10.42 -9.93
C ARG A 180 -14.01 -11.83 -9.32
N THR A 181 -14.09 -11.91 -8.01
CA THR A 181 -14.34 -13.20 -7.33
C THR A 181 -15.78 -13.72 -7.50
N GLU A 182 -16.74 -12.81 -7.57
CA GLU A 182 -18.13 -13.20 -7.85
C GLU A 182 -18.23 -13.87 -9.22
N ASN A 183 -17.46 -13.36 -10.16
CA ASN A 183 -17.39 -13.97 -11.48
C ASN A 183 -16.75 -15.32 -11.40
N THR A 184 -15.55 -15.38 -10.85
CA THR A 184 -14.82 -16.63 -10.78
C THR A 184 -15.69 -17.76 -10.22
N ILE A 185 -16.43 -17.48 -9.15
CA ILE A 185 -17.25 -18.51 -8.54
C ILE A 185 -18.49 -18.85 -9.35
N ALA A 186 -19.03 -17.87 -10.08
CA ALA A 186 -20.12 -18.14 -11.01
C ALA A 186 -19.63 -19.04 -12.13
N TYR A 187 -18.49 -18.66 -12.70
CA TYR A 187 -17.83 -19.42 -13.75
C TYR A 187 -17.57 -20.86 -13.32
N ILE A 188 -17.01 -21.03 -12.12
CA ILE A 188 -16.70 -22.35 -11.60
C ILE A 188 -17.95 -23.20 -11.50
N ASN A 189 -19.05 -22.62 -11.02
CA ASN A 189 -20.30 -23.37 -10.94
C ASN A 189 -20.84 -23.78 -12.31
N SER A 190 -20.67 -22.94 -13.32
CA SER A 190 -21.10 -23.28 -14.69
C SER A 190 -20.31 -24.45 -15.26
N GLU A 191 -19.01 -24.47 -15.01
CA GLU A 191 -18.18 -25.60 -15.42
C GLU A 191 -18.68 -26.90 -14.82
N LEU A 192 -19.06 -26.84 -13.55
CA LEU A 192 -19.50 -28.03 -12.83
C LEU A 192 -20.90 -28.46 -13.26
N ASP A 193 -21.75 -27.51 -13.61
CA ASP A 193 -23.06 -27.83 -14.15
C ASP A 193 -22.93 -28.56 -15.46
N GLU A 194 -22.03 -28.09 -16.32
CA GLU A 194 -21.84 -28.71 -17.61
C GLU A 194 -21.29 -30.12 -17.44
N LEU A 195 -20.37 -30.29 -16.51
CA LEU A 195 -19.82 -31.62 -16.26
C LEU A 195 -20.89 -32.56 -15.75
N ASP A 196 -21.74 -32.05 -14.86
CA ASP A 196 -22.86 -32.84 -14.37
C ASP A 196 -23.78 -33.26 -15.51
N ARG A 197 -24.09 -32.31 -16.39
CA ARG A 197 -24.90 -32.56 -17.58
C ARG A 197 -24.28 -33.59 -18.51
N GLU A 198 -22.97 -33.50 -18.71
CA GLU A 198 -22.28 -34.40 -19.64
C GLU A 198 -22.19 -35.82 -19.12
N GLU A 199 -22.23 -35.98 -17.80
CA GLU A 199 -22.25 -37.28 -17.18
C GLU A 199 -23.60 -37.92 -17.32
N PHE A 200 -24.65 -37.15 -17.08
CA PHE A 200 -26.01 -37.67 -17.26
C PHE A 200 -26.16 -38.38 -18.61
N TYR A 201 -25.51 -37.82 -19.62
CA TYR A 201 -25.61 -38.32 -21.00
C TYR A 201 -24.52 -39.33 -21.43
N ARG A 202 -23.26 -38.87 -21.51
CA ARG A 202 -22.13 -39.70 -21.92
C ARG A 202 -21.92 -40.99 -21.12
N LEU A 203 -22.31 -40.99 -19.85
CA LEU A 203 -22.15 -42.13 -18.93
C LEU A 203 -23.53 -42.62 -18.45
N LYS A 204 -23.54 -43.75 -17.74
CA LYS A 204 -24.68 -44.22 -16.91
C LYS A 204 -24.51 -45.67 -16.49
N MET B 1 25.43 14.96 7.11
CA MET B 1 24.41 15.79 6.39
C MET B 1 23.78 16.82 7.33
N ALA B 2 23.02 16.34 8.30
CA ALA B 2 22.14 17.18 9.16
C ALA B 2 22.84 18.27 10.00
N GLU B 3 23.86 17.89 10.76
CA GLU B 3 24.55 18.81 11.69
C GLU B 3 25.17 20.05 11.04
N LYS B 4 25.49 19.96 9.75
CA LYS B 4 26.09 21.08 9.01
C LYS B 4 25.04 22.10 8.57
N ARG B 5 23.79 21.67 8.51
CA ARG B 5 22.71 22.47 7.92
C ARG B 5 22.07 23.41 8.96
N THR B 6 22.46 24.67 8.91
CA THR B 6 21.98 25.64 9.90
C THR B 6 21.36 26.93 9.34
N LEU B 7 21.43 27.17 8.04
CA LEU B 7 20.88 28.39 7.46
C LEU B 7 19.52 28.20 6.83
N ILE B 8 18.80 29.32 6.73
CA ILE B 8 17.60 29.40 5.95
C ILE B 8 17.95 30.19 4.70
N ALA B 9 17.76 29.58 3.54
CA ALA B 9 18.03 30.26 2.28
C ALA B 9 16.74 30.79 1.69
N VAL B 10 16.83 31.84 0.88
CA VAL B 10 15.65 32.47 0.28
C VAL B 10 15.81 32.71 -1.22
N ILE B 11 14.77 32.38 -1.98
CA ILE B 11 14.63 32.84 -3.35
C ILE B 11 13.28 33.52 -3.43
N ALA B 12 13.29 34.85 -3.50
CA ALA B 12 12.06 35.60 -3.32
C ALA B 12 12.17 37.03 -3.84
N ASP B 13 11.02 37.68 -3.95
CA ASP B 13 10.92 39.05 -4.45
C ASP B 13 11.49 40.06 -3.44
N GLU B 14 11.45 41.34 -3.82
CA GLU B 14 12.00 42.44 -3.01
C GLU B 14 11.42 42.47 -1.60
N ASP B 15 10.09 42.51 -1.52
CA ASP B 15 9.40 42.70 -0.23
C ASP B 15 9.56 41.53 0.72
N THR B 16 9.33 40.33 0.21
CA THR B 16 9.50 39.12 0.99
C THR B 16 10.91 39.03 1.54
N THR B 17 11.89 39.24 0.66
CA THR B 17 13.29 39.16 1.06
C THR B 17 13.60 40.17 2.17
N THR B 18 13.10 41.39 2.05
CA THR B 18 13.38 42.41 3.06
C THR B 18 12.87 41.99 4.44
N GLY B 19 11.68 41.41 4.47
CA GLY B 19 11.09 40.97 5.72
C GLY B 19 11.91 39.87 6.38
N LEU B 20 12.30 38.88 5.60
CA LEU B 20 13.07 37.76 6.15
C LEU B 20 14.43 38.20 6.63
N LEU B 21 15.06 39.10 5.90
CA LEU B 21 16.38 39.59 6.27
C LEU B 21 16.29 40.32 7.59
N LEU B 22 15.19 41.03 7.81
CA LEU B 22 14.94 41.70 9.10
C LEU B 22 14.85 40.73 10.28
N ALA B 23 14.19 39.59 10.06
CA ALA B 23 14.14 38.53 11.06
C ALA B 23 15.54 37.99 11.44
N GLY B 24 16.51 38.17 10.54
CA GLY B 24 17.92 37.91 10.85
C GLY B 24 18.49 36.66 10.21
N ILE B 25 17.84 36.16 9.16
CA ILE B 25 18.24 34.90 8.55
C ILE B 25 19.39 35.01 7.57
N GLY B 26 19.70 36.22 7.12
CA GLY B 26 20.69 36.42 6.08
C GLY B 26 22.14 36.22 6.52
N GLN B 27 22.99 35.78 5.59
CA GLN B 27 24.40 35.56 5.90
C GLN B 27 25.30 35.56 4.67
N ILE B 28 26.50 36.11 4.83
CA ILE B 28 27.53 36.09 3.79
C ILE B 28 28.61 35.12 4.23
N THR B 29 28.85 34.06 3.46
CA THR B 29 29.95 33.16 3.72
C THR B 29 31.24 33.93 3.47
N PRO B 30 32.03 34.19 4.53
CA PRO B 30 33.20 35.05 4.39
C PRO B 30 34.25 34.55 3.39
N GLU B 31 34.47 33.24 3.32
CA GLU B 31 35.48 32.68 2.42
C GLU B 31 35.05 32.73 0.98
N THR B 32 33.80 32.34 0.71
CA THR B 32 33.30 32.22 -0.67
C THR B 32 32.62 33.50 -1.16
N GLN B 33 32.33 34.43 -0.24
CA GLN B 33 31.59 35.66 -0.55
C GLN B 33 30.15 35.46 -1.05
N GLU B 34 29.60 34.26 -0.81
CA GLU B 34 28.26 33.93 -1.29
C GLU B 34 27.22 34.46 -0.33
N LYS B 35 26.01 34.73 -0.83
CA LYS B 35 24.88 35.06 0.03
C LYS B 35 23.93 33.89 0.06
N ASN B 36 23.02 33.88 1.02
CA ASN B 36 22.03 32.82 1.12
C ASN B 36 20.65 33.32 0.75
N PHE B 37 20.61 34.38 -0.05
CA PHE B 37 19.35 34.91 -0.55
C PHE B 37 19.55 35.50 -1.92
N PHE B 38 18.51 35.41 -2.73
CA PHE B 38 18.56 35.90 -4.09
C PHE B 38 17.25 36.61 -4.36
N VAL B 39 17.31 37.91 -4.60
CA VAL B 39 16.12 38.70 -4.91
C VAL B 39 15.71 38.48 -6.37
N TYR B 40 14.40 38.37 -6.58
CA TYR B 40 13.83 38.05 -7.86
C TYR B 40 13.04 39.25 -8.33
N GLN B 41 13.04 39.46 -9.64
CA GLN B 41 12.28 40.54 -10.27
C GLN B 41 11.52 40.02 -11.46
N GLU B 42 10.22 40.31 -11.49
CA GLU B 42 9.43 39.89 -12.62
C GLU B 42 9.86 40.79 -13.76
N GLY B 43 9.94 40.19 -14.94
CA GLY B 43 10.43 40.90 -16.10
C GLY B 43 11.91 40.71 -16.32
N LYS B 44 12.71 40.75 -15.25
CA LYS B 44 14.16 40.74 -15.41
C LYS B 44 14.83 39.38 -15.14
N THR B 45 14.36 38.64 -14.14
CA THR B 45 15.02 37.39 -13.74
C THR B 45 14.62 36.25 -14.68
N THR B 46 15.62 35.60 -15.26
CA THR B 46 15.38 34.52 -16.22
C THR B 46 15.13 33.16 -15.56
N LYS B 47 14.32 32.32 -16.19
CA LYS B 47 14.07 30.95 -15.70
C LYS B 47 15.37 30.17 -15.49
N GLU B 48 16.37 30.43 -16.31
CA GLU B 48 17.65 29.72 -16.24
C GLU B 48 18.39 30.16 -14.97
N GLU B 49 18.26 31.43 -14.64
CA GLU B 49 18.92 32.03 -13.47
C GLU B 49 18.31 31.56 -12.15
N ILE B 50 17.00 31.33 -12.15
CA ILE B 50 16.31 30.78 -10.98
C ILE B 50 16.74 29.33 -10.75
N THR B 51 16.82 28.57 -11.82
CA THR B 51 17.21 27.17 -11.75
C THR B 51 18.65 27.02 -11.19
N ASP B 52 19.52 27.94 -11.60
CA ASP B 52 20.88 27.95 -11.07
C ASP B 52 20.86 28.10 -9.57
N LYS B 53 20.16 29.12 -9.09
CA LYS B 53 20.10 29.38 -7.65
C LYS B 53 19.42 28.25 -6.89
N PHE B 54 18.31 27.75 -7.41
CA PHE B 54 17.65 26.61 -6.80
C PHE B 54 18.62 25.44 -6.65
N ASN B 55 19.28 25.05 -7.74
CA ASN B 55 20.26 23.97 -7.69
C ASN B 55 21.36 24.26 -6.70
N HIS B 56 21.77 25.52 -6.68
CA HIS B 56 22.88 25.92 -5.83
C HIS B 56 22.55 25.75 -4.34
N PHE B 57 21.38 26.22 -3.92
CA PHE B 57 20.97 26.11 -2.52
C PHE B 57 20.59 24.67 -2.14
N THR B 58 20.12 23.91 -3.11
CA THR B 58 19.60 22.59 -2.87
C THR B 58 20.66 21.50 -2.93
N GLU B 59 21.54 21.57 -3.91
CA GLU B 59 22.51 20.51 -4.13
C GLU B 59 23.97 20.92 -4.01
N GLU B 60 24.30 22.15 -4.39
CA GLU B 60 25.70 22.60 -4.36
C GLU B 60 26.16 23.04 -2.96
N ARG B 61 25.23 23.39 -2.09
CA ARG B 61 25.58 23.85 -0.73
C ARG B 61 25.12 22.87 0.31
N ASP B 62 26.03 22.58 1.25
CA ASP B 62 25.79 21.58 2.28
C ASP B 62 25.19 22.17 3.57
N ASP B 63 25.01 23.49 3.63
CA ASP B 63 24.69 24.17 4.91
C ASP B 63 23.27 24.77 5.00
N ILE B 64 22.46 24.63 3.96
CA ILE B 64 21.08 25.11 3.98
C ILE B 64 20.15 24.08 4.58
N ALA B 65 19.34 24.48 5.56
CA ALA B 65 18.40 23.56 6.20
C ALA B 65 16.99 23.71 5.64
N ILE B 66 16.60 24.95 5.38
CA ILE B 66 15.28 25.25 4.82
C ILE B 66 15.43 26.27 3.71
N LEU B 67 14.79 26.00 2.57
CA LEU B 67 14.77 26.94 1.47
C LEU B 67 13.37 27.49 1.32
N LEU B 68 13.22 28.80 1.55
CA LEU B 68 11.97 29.48 1.32
C LEU B 68 11.95 30.03 -0.08
N ILE B 69 10.80 29.95 -0.73
CA ILE B 69 10.66 30.37 -2.11
C ILE B 69 9.23 30.83 -2.35
N ASN B 70 9.06 31.94 -3.06
CA ASN B 70 7.73 32.42 -3.39
C ASN B 70 7.08 31.44 -4.31
N GLN B 71 5.82 31.12 -4.04
CA GLN B 71 5.14 30.12 -4.81
C GLN B 71 5.18 30.46 -6.28
N HIS B 72 4.91 31.73 -6.59
CA HIS B 72 4.94 32.18 -7.98
C HIS B 72 6.26 31.87 -8.68
N ILE B 73 7.38 32.06 -7.98
CA ILE B 73 8.70 31.76 -8.53
C ILE B 73 8.90 30.26 -8.75
N ALA B 74 8.46 29.47 -7.79
CA ALA B 74 8.59 28.01 -7.87
C ALA B 74 7.74 27.46 -9.00
N GLU B 75 6.61 28.09 -9.23
CA GLU B 75 5.73 27.74 -10.36
C GLU B 75 6.43 27.87 -11.71
N ASN B 76 7.35 28.83 -11.85
CA ASN B 76 8.17 28.94 -13.06
C ASN B 76 9.05 27.73 -13.30
N ILE B 77 9.43 27.01 -12.24
CA ILE B 77 10.32 25.86 -12.37
C ILE B 77 9.74 24.62 -11.71
N ARG B 78 8.41 24.51 -11.73
CA ARG B 78 7.70 23.37 -11.10
C ARG B 78 8.31 22.00 -11.44
N ALA B 79 8.75 21.85 -12.68
CA ALA B 79 9.41 20.62 -13.12
C ALA B 79 10.56 20.27 -12.18
N ARG B 80 11.47 21.22 -12.02
CA ARG B 80 12.63 21.05 -11.17
C ARG B 80 12.26 20.87 -9.70
N VAL B 81 11.24 21.59 -9.24
CA VAL B 81 10.84 21.56 -7.83
C VAL B 81 10.20 20.22 -7.46
N ASP B 82 9.27 19.76 -8.28
CA ASP B 82 8.62 18.46 -8.08
C ASP B 82 9.64 17.31 -8.07
N SER B 83 10.62 17.39 -8.97
CA SER B 83 11.64 16.36 -9.07
C SER B 83 12.58 16.28 -7.85
N PHE B 84 12.72 17.40 -7.13
CA PHE B 84 13.55 17.38 -5.93
C PHE B 84 12.84 16.69 -4.76
N THR B 85 13.43 15.62 -4.24
CA THR B 85 12.80 14.78 -3.21
C THR B 85 13.62 14.55 -1.93
N ASN B 86 14.86 15.04 -1.87
CA ASN B 86 15.70 14.80 -0.67
C ASN B 86 15.13 15.43 0.59
N ALA B 87 15.44 14.83 1.74
CA ALA B 87 14.94 15.31 3.02
C ALA B 87 15.43 16.71 3.36
N PHE B 88 16.58 17.09 2.80
CA PHE B 88 17.17 18.41 3.07
C PHE B 88 17.72 19.03 1.79
N PRO B 89 17.61 20.37 1.65
CA PRO B 89 16.84 21.26 2.49
C PRO B 89 15.34 21.03 2.36
N ALA B 90 14.61 21.29 3.44
CA ALA B 90 13.16 21.28 3.37
C ALA B 90 12.75 22.47 2.52
N ILE B 91 11.79 22.27 1.64
CA ILE B 91 11.39 23.33 0.71
C ILE B 91 10.00 23.81 1.01
N LEU B 92 9.88 25.13 1.15
CA LEU B 92 8.65 25.74 1.57
C LEU B 92 8.26 26.83 0.58
N GLU B 93 7.17 26.60 -0.14
CA GLU B 93 6.60 27.62 -1.05
C GLU B 93 5.70 28.52 -0.22
N ILE B 94 5.89 29.84 -0.33
CA ILE B 94 5.09 30.80 0.44
C ILE B 94 4.56 31.93 -0.44
N PRO B 95 3.58 32.70 0.07
CA PRO B 95 3.04 33.85 -0.67
C PRO B 95 3.94 35.09 -0.68
N SER B 96 3.61 36.05 -1.54
CA SER B 96 4.28 37.36 -1.61
C SER B 96 3.27 38.39 -1.12
N LYS B 97 3.71 39.65 -0.98
CA LYS B 97 2.80 40.74 -0.64
C LYS B 97 1.85 41.01 -1.80
N ASP B 98 2.30 40.79 -3.03
CA ASP B 98 1.45 40.95 -4.22
C ASP B 98 0.43 39.82 -4.37
N HIS B 99 0.68 38.70 -3.70
CA HIS B 99 -0.15 37.51 -3.83
C HIS B 99 -0.30 36.90 -2.44
N PRO B 100 -1.09 37.56 -1.57
CA PRO B 100 -1.21 37.04 -0.21
C PRO B 100 -1.92 35.68 -0.20
N TYR B 101 -3.13 35.61 -0.77
CA TYR B 101 -3.93 34.38 -0.79
C TYR B 101 -3.81 33.52 -2.07
N ASP B 102 -4.28 32.29 -1.93
CA ASP B 102 -4.37 31.33 -3.03
C ASP B 102 -5.61 31.61 -3.87
N PRO B 103 -5.55 31.25 -5.17
CA PRO B 103 -6.74 31.22 -6.01
C PRO B 103 -7.88 30.43 -5.37
N GLU B 104 -9.10 30.99 -5.36
CA GLU B 104 -10.29 30.25 -4.90
C GLU B 104 -10.60 29.00 -5.74
N LYS B 105 -9.94 28.88 -6.88
CA LYS B 105 -10.10 27.75 -7.79
C LYS B 105 -9.45 26.50 -7.18
N ASP B 106 -8.37 26.71 -6.42
CA ASP B 106 -7.57 25.59 -5.95
C ASP B 106 -8.21 24.92 -4.73
N SER B 107 -8.24 23.58 -4.75
CA SER B 107 -8.63 22.79 -3.59
C SER B 107 -7.63 22.95 -2.47
N VAL B 108 -8.09 22.65 -1.26
CA VAL B 108 -7.26 22.76 -0.07
C VAL B 108 -6.01 21.87 -0.20
N LEU B 109 -6.21 20.63 -0.62
CA LEU B 109 -5.12 19.67 -0.72
C LEU B 109 -4.06 20.08 -1.73
N LYS B 110 -4.48 20.73 -2.82
CA LYS B 110 -3.53 21.19 -3.82
C LYS B 110 -2.67 22.32 -3.23
N ARG B 111 -3.35 23.30 -2.61
CA ARG B 111 -2.69 24.42 -1.94
C ARG B 111 -1.67 23.97 -0.92
N VAL B 112 -2.05 23.00 -0.10
CA VAL B 112 -1.16 22.47 0.93
C VAL B 112 0.00 21.70 0.31
N ARG B 113 -0.26 20.99 -0.78
CA ARG B 113 0.81 20.28 -1.48
C ARG B 113 1.86 21.24 -2.02
N LYS B 114 1.41 22.28 -2.72
CA LYS B 114 2.32 23.30 -3.22
C LYS B 114 3.15 23.95 -2.13
N LEU B 115 2.51 24.28 -1.01
CA LEU B 115 3.22 24.75 0.17
C LEU B 115 4.46 23.90 0.46
N PHE B 116 4.29 22.58 0.43
CA PHE B 116 5.38 21.66 0.75
C PHE B 116 6.16 21.16 -0.46
N GLY B 117 6.18 21.97 -1.52
CA GLY B 117 7.04 21.70 -2.68
C GLY B 117 6.59 20.58 -3.59
N GLU B 118 5.30 20.56 -3.92
CA GLU B 118 4.73 19.53 -4.80
C GLU B 118 3.68 20.13 -5.75
N GLU C 37 -23.99 -4.76 5.26
CA GLU C 37 -24.46 -3.86 4.17
C GLU C 37 -24.38 -4.60 2.82
N ALA C 38 -24.56 -3.86 1.72
CA ALA C 38 -24.55 -4.43 0.37
C ALA C 38 -23.38 -5.37 0.14
N LEU C 39 -22.19 -4.94 0.56
CA LEU C 39 -20.96 -5.71 0.36
C LEU C 39 -20.91 -7.01 1.19
N THR C 40 -21.42 -6.96 2.41
CA THR C 40 -21.40 -8.14 3.28
C THR C 40 -22.35 -9.22 2.79
N LYS C 41 -23.45 -8.80 2.15
CA LYS C 41 -24.35 -9.76 1.51
C LYS C 41 -23.71 -10.38 0.27
N ARG C 42 -23.07 -9.56 -0.57
CA ARG C 42 -22.37 -10.09 -1.75
C ARG C 42 -21.30 -11.10 -1.36
N PHE C 43 -20.64 -10.85 -0.24
CA PHE C 43 -19.61 -11.76 0.25
C PHE C 43 -20.21 -13.02 0.87
N ARG C 44 -21.35 -12.88 1.54
CA ARG C 44 -22.08 -14.05 2.04
C ARG C 44 -22.51 -14.97 0.88
N ASP C 45 -22.93 -14.36 -0.24
CA ASP C 45 -23.37 -15.13 -1.41
C ASP C 45 -22.21 -15.89 -2.01
N ILE C 46 -21.08 -15.23 -2.18
CA ILE C 46 -19.84 -15.89 -2.61
C ILE C 46 -19.57 -17.14 -1.79
N THR C 47 -19.58 -17.00 -0.48
CA THR C 47 -19.36 -18.15 0.42
C THR C 47 -20.39 -19.28 0.20
N LYS C 48 -21.63 -18.90 -0.06
CA LYS C 48 -22.68 -19.86 -0.40
C LYS C 48 -22.37 -20.55 -1.74
N ARG C 49 -22.06 -19.75 -2.77
CA ARG C 49 -21.73 -20.28 -4.09
C ARG C 49 -20.49 -21.17 -4.06
N ILE C 50 -19.55 -20.89 -3.15
CA ILE C 50 -18.39 -21.78 -2.99
C ILE C 50 -18.80 -23.12 -2.40
N ASP C 51 -19.70 -23.09 -1.44
CA ASP C 51 -20.25 -24.33 -0.88
C ASP C 51 -20.99 -25.12 -1.97
N ASP C 52 -21.83 -24.44 -2.74
CA ASP C 52 -22.56 -25.09 -3.83
C ASP C 52 -21.61 -25.77 -4.80
N ALA C 53 -20.54 -25.06 -5.16
CA ALA C 53 -19.53 -25.58 -6.08
C ALA C 53 -18.85 -26.80 -5.51
N LYS C 54 -18.57 -26.75 -4.21
CA LYS C 54 -17.88 -27.83 -3.51
C LYS C 54 -18.72 -29.12 -3.52
N GLN C 55 -20.02 -28.99 -3.39
CA GLN C 55 -20.93 -30.13 -3.38
C GLN C 55 -21.03 -30.77 -4.74
N LYS C 56 -21.17 -29.94 -5.77
CA LYS C 56 -21.22 -30.42 -7.14
C LYS C 56 -19.95 -31.19 -7.49
N MET C 57 -18.80 -30.67 -7.07
CA MET C 57 -17.53 -31.38 -7.18
C MET C 57 -17.65 -32.82 -6.67
N GLY C 58 -18.21 -32.96 -5.47
CA GLY C 58 -18.47 -34.27 -4.89
C GLY C 58 -19.34 -35.16 -5.76
N ARG C 59 -20.43 -34.62 -6.28
CA ARG C 59 -21.37 -35.40 -7.08
C ARG C 59 -20.75 -35.79 -8.40
N VAL C 60 -20.05 -34.84 -9.02
CA VAL C 60 -19.45 -35.05 -10.32
C VAL C 60 -18.42 -36.15 -10.22
N MET C 61 -17.60 -36.08 -9.17
CA MET C 61 -16.53 -37.05 -9.00
C MET C 61 -17.02 -38.46 -8.64
N GLN C 62 -18.04 -38.56 -7.80
CA GLN C 62 -18.57 -39.87 -7.41
C GLN C 62 -19.25 -40.55 -8.57
N THR C 63 -19.94 -39.77 -9.39
CA THR C 63 -20.61 -40.30 -10.59
C THR C 63 -19.56 -40.92 -11.53
N ALA C 64 -18.46 -40.21 -11.72
CA ALA C 64 -17.37 -40.71 -12.54
C ALA C 64 -16.82 -41.99 -11.93
N ALA C 65 -16.66 -42.01 -10.61
CA ALA C 65 -16.13 -43.17 -9.91
C ALA C 65 -17.03 -44.38 -10.08
N PHE C 66 -18.34 -44.15 -9.98
CA PHE C 66 -19.34 -45.18 -10.26
C PHE C 66 -19.15 -45.82 -11.61
N SER C 67 -18.87 -45.01 -12.62
CA SER C 67 -18.76 -45.56 -13.96
C SER C 67 -17.50 -46.40 -14.15
N LEU C 68 -16.45 -46.10 -13.38
CA LEU C 68 -15.24 -46.94 -13.39
C LEU C 68 -15.51 -48.25 -12.68
N ALA C 69 -16.26 -48.19 -11.60
CA ALA C 69 -16.71 -49.38 -10.90
C ALA C 69 -17.45 -50.32 -11.85
N GLU C 70 -18.47 -49.78 -12.53
CA GLU C 70 -19.23 -50.51 -13.54
C GLU C 70 -18.31 -51.27 -14.50
N VAL C 71 -17.29 -50.59 -14.99
CA VAL C 71 -16.39 -51.17 -15.97
C VAL C 71 -15.48 -52.21 -15.35
N SER C 72 -14.95 -51.90 -14.17
CA SER C 72 -14.08 -52.80 -13.44
C SER C 72 -14.81 -54.13 -13.16
N TYR C 73 -16.04 -54.01 -12.68
CA TYR C 73 -16.89 -55.16 -12.40
C TYR C 73 -17.14 -55.98 -13.64
N ALA C 74 -17.56 -55.30 -14.70
CA ALA C 74 -17.89 -55.95 -15.97
C ALA C 74 -16.71 -56.65 -16.61
N THR C 75 -15.54 -56.02 -16.57
CA THR C 75 -14.36 -56.54 -17.25
C THR C 75 -13.49 -57.45 -16.40
N GLY C 76 -13.66 -57.41 -15.09
CA GLY C 76 -12.75 -58.12 -14.19
C GLY C 76 -11.43 -57.39 -13.92
N GLU C 77 -11.11 -56.39 -14.74
CA GLU C 77 -9.87 -55.62 -14.55
C GLU C 77 -9.92 -54.70 -13.33
N ASN C 78 -8.76 -54.48 -12.73
CA ASN C 78 -8.63 -53.64 -11.54
C ASN C 78 -8.08 -52.28 -11.92
N ILE C 79 -8.99 -51.32 -12.13
CA ILE C 79 -8.59 -50.01 -12.66
C ILE C 79 -7.64 -49.30 -11.70
N GLY C 80 -8.02 -49.23 -10.44
CA GLY C 80 -7.19 -48.59 -9.42
C GLY C 80 -5.75 -49.10 -9.42
N TYR C 81 -5.59 -50.40 -9.58
CA TYR C 81 -4.26 -51.00 -9.65
C TYR C 81 -3.50 -50.51 -10.86
N GLN C 82 -4.10 -50.69 -12.03
CA GLN C 82 -3.47 -50.28 -13.28
C GLN C 82 -3.12 -48.80 -13.31
N VAL C 83 -4.05 -47.95 -12.88
CA VAL C 83 -3.79 -46.50 -12.87
C VAL C 83 -2.58 -46.20 -12.04
N GLN C 84 -2.62 -46.60 -10.78
CA GLN C 84 -1.56 -46.31 -9.84
C GLN C 84 -0.21 -46.86 -10.32
N GLU C 85 -0.24 -48.03 -10.93
CA GLU C 85 0.94 -48.72 -11.42
C GLU C 85 1.67 -47.97 -12.53
N SER C 86 0.91 -47.27 -13.35
CA SER C 86 1.43 -46.54 -14.50
C SER C 86 1.79 -45.08 -14.22
N VAL C 87 1.72 -44.66 -12.97
CA VAL C 87 2.19 -43.32 -12.59
C VAL C 87 3.72 -43.26 -12.69
N SER C 88 4.25 -42.18 -13.24
CA SER C 88 5.69 -41.91 -13.16
C SER C 88 5.92 -40.41 -12.90
N THR C 89 5.64 -39.60 -13.92
CA THR C 89 5.80 -38.16 -13.85
C THR C 89 4.42 -37.55 -14.11
N ALA C 90 4.16 -36.40 -13.48
CA ALA C 90 2.88 -35.71 -13.61
C ALA C 90 2.63 -35.08 -14.98
N ARG C 91 1.50 -35.45 -15.59
CA ARG C 91 1.00 -34.79 -16.78
CA ARG C 91 0.98 -34.79 -16.78
C ARG C 91 0.39 -33.44 -16.39
N PHE C 92 -0.34 -33.43 -15.29
CA PHE C 92 -1.06 -32.26 -14.83
C PHE C 92 -0.33 -31.60 -13.67
N LYS C 93 0.29 -30.46 -13.94
CA LYS C 93 0.98 -29.68 -12.91
C LYS C 93 0.31 -28.31 -12.83
N VAL C 94 0.86 -27.45 -11.97
CA VAL C 94 0.42 -26.05 -11.94
C VAL C 94 1.61 -25.11 -11.87
N ARG C 95 1.32 -23.83 -12.07
CA ARG C 95 2.33 -22.78 -12.05
C ARG C 95 1.77 -21.65 -11.20
N ALA C 96 2.42 -21.36 -10.08
CA ALA C 96 1.98 -20.27 -9.22
C ALA C 96 2.45 -18.99 -9.87
N ARG C 97 1.57 -18.00 -9.96
CA ARG C 97 1.83 -16.76 -10.69
C ARG C 97 1.37 -15.64 -9.79
N GLN C 98 1.93 -14.45 -9.97
CA GLN C 98 1.56 -13.30 -9.13
C GLN C 98 0.91 -12.19 -9.95
N GLU C 99 -0.26 -11.74 -9.53
CA GLU C 99 -1.05 -10.81 -10.31
C GLU C 99 -1.32 -9.55 -9.49
N ASN C 100 -0.85 -8.42 -10.01
CA ASN C 100 -1.15 -7.13 -9.41
C ASN C 100 -2.55 -6.70 -9.82
N VAL C 101 -3.38 -6.42 -8.83
CA VAL C 101 -4.77 -6.04 -9.05
C VAL C 101 -5.07 -4.79 -8.24
N SER C 102 -5.06 -3.63 -8.91
CA SER C 102 -5.34 -2.34 -8.28
C SER C 102 -4.42 -2.06 -7.08
N GLY C 103 -3.17 -2.48 -7.17
CA GLY C 103 -2.19 -2.23 -6.12
C GLY C 103 -1.86 -3.46 -5.28
N VAL C 104 -2.89 -4.23 -4.92
CA VAL C 104 -2.70 -5.45 -4.11
C VAL C 104 -2.26 -6.64 -4.97
N TYR C 105 -1.25 -7.36 -4.48
CA TYR C 105 -0.66 -8.50 -5.18
C TYR C 105 -1.32 -9.81 -4.75
N LEU C 106 -1.75 -10.59 -5.74
CA LEU C 106 -2.45 -11.85 -5.50
C LEU C 106 -1.75 -13.02 -6.17
N SER C 107 -1.79 -14.17 -5.51
CA SER C 107 -1.28 -15.41 -6.07
C SER C 107 -2.40 -16.16 -6.78
N GLN C 108 -2.17 -16.48 -8.05
CA GLN C 108 -3.07 -17.31 -8.86
C GLN C 108 -2.38 -18.59 -9.29
N PHE C 109 -3.15 -19.63 -9.53
CA PHE C 109 -2.62 -20.90 -10.04
C PHE C 109 -3.11 -21.05 -11.45
N GLU C 110 -2.21 -21.51 -12.32
CA GLU C 110 -2.57 -21.87 -13.67
C GLU C 110 -2.13 -23.29 -13.91
N SER C 111 -3.05 -24.13 -14.36
CA SER C 111 -2.72 -25.49 -14.65
C SER C 111 -1.85 -25.54 -15.89
N TYR C 112 -0.82 -26.36 -15.84
CA TYR C 112 0.14 -26.56 -16.90
C TYR C 112 0.08 -28.06 -17.22
N ILE C 113 -0.07 -28.40 -18.50
CA ILE C 113 -0.18 -29.80 -18.90
C ILE C 113 1.00 -30.19 -19.76
N ASP C 114 1.89 -31.01 -19.20
CA ASP C 114 3.08 -31.49 -19.89
C ASP C 114 2.68 -32.46 -21.00
N PRO C 115 3.00 -32.11 -22.26
CA PRO C 115 2.63 -32.97 -23.38
C PRO C 115 3.66 -34.08 -23.64
N GLU C 116 4.84 -33.97 -23.03
CA GLU C 116 5.88 -35.02 -23.07
C GLU C 116 5.39 -36.30 -22.42
N ILE C 117 4.58 -36.14 -21.37
CA ILE C 117 4.01 -37.28 -20.64
C ILE C 117 2.76 -37.76 -21.38
N ASN C 118 2.70 -39.07 -21.65
CA ASN C 118 1.56 -39.68 -22.30
C ASN C 118 0.42 -39.97 -21.35
N ASP C 119 -0.74 -40.26 -21.93
CA ASP C 119 -1.90 -40.72 -21.18
C ASP C 119 -1.73 -42.20 -20.84
N PHE C 120 -2.60 -42.70 -19.97
CA PHE C 120 -2.57 -44.10 -19.56
C PHE C 120 -3.13 -44.99 -20.66
N ARG C 121 -2.56 -46.18 -20.78
CA ARG C 121 -3.03 -47.15 -21.74
C ARG C 121 -3.46 -48.39 -20.98
N LEU C 122 -4.69 -48.36 -20.47
CA LEU C 122 -5.21 -49.43 -19.63
C LEU C 122 -5.58 -50.66 -20.46
N THR C 123 -5.24 -51.84 -19.96
CA THR C 123 -5.34 -53.08 -20.73
C THR C 123 -6.42 -54.04 -20.21
N GLY C 124 -7.15 -54.66 -21.13
CA GLY C 124 -8.13 -55.71 -20.82
C GLY C 124 -9.54 -55.21 -20.61
N LEU C 125 -9.85 -54.02 -21.13
CA LEU C 125 -11.15 -53.39 -20.92
C LEU C 125 -12.10 -53.59 -22.09
N GLY C 126 -11.56 -53.65 -23.30
CA GLY C 126 -12.37 -53.84 -24.50
C GLY C 126 -13.34 -52.70 -24.70
N ARG C 127 -14.63 -53.02 -24.77
CA ARG C 127 -15.69 -52.01 -24.92
C ARG C 127 -15.67 -51.01 -23.78
N GLY C 128 -15.39 -51.52 -22.57
CA GLY C 128 -15.29 -50.68 -21.38
C GLY C 128 -14.26 -49.58 -21.47
N GLY C 129 -13.29 -49.71 -22.37
CA GLY C 129 -12.26 -48.71 -22.56
C GLY C 129 -12.78 -47.31 -22.86
N GLN C 130 -13.87 -47.22 -23.60
CA GLN C 130 -14.44 -45.92 -23.95
C GLN C 130 -15.11 -45.25 -22.76
N GLN C 131 -15.74 -46.04 -21.90
CA GLN C 131 -16.32 -45.53 -20.66
C GLN C 131 -15.25 -44.90 -19.80
N VAL C 132 -14.06 -45.52 -19.79
CA VAL C 132 -12.95 -45.05 -18.97
C VAL C 132 -12.34 -43.80 -19.58
N GLN C 133 -12.23 -43.79 -20.90
CA GLN C 133 -11.81 -42.56 -21.62
C GLN C 133 -12.63 -41.37 -21.21
N ARG C 134 -13.95 -41.54 -21.23
CA ARG C 134 -14.84 -40.45 -20.94
C ARG C 134 -14.71 -40.01 -19.50
N ALA C 135 -14.52 -40.95 -18.59
CA ALA C 135 -14.34 -40.63 -17.19
C ALA C 135 -13.04 -39.84 -16.99
N LYS C 136 -12.00 -40.23 -17.70
CA LYS C 136 -10.76 -39.50 -17.67
C LYS C 136 -10.94 -38.06 -18.14
N GLU C 137 -11.67 -37.88 -19.24
CA GLU C 137 -12.02 -36.55 -19.74
C GLU C 137 -12.65 -35.72 -18.62
N ILE C 138 -13.64 -36.31 -17.95
CA ILE C 138 -14.36 -35.64 -16.87
C ILE C 138 -13.43 -35.27 -15.72
N TYR C 139 -12.66 -36.24 -15.22
CA TYR C 139 -11.73 -35.97 -14.12
C TYR C 139 -10.74 -34.85 -14.43
N SER C 140 -10.25 -34.79 -15.66
CA SER C 140 -9.35 -33.72 -16.09
C SER C 140 -10.00 -32.35 -15.97
N ARG C 141 -11.23 -32.24 -16.45
CA ARG C 141 -11.97 -30.98 -16.38
C ARG C 141 -12.33 -30.64 -14.94
N ALA C 142 -12.61 -31.65 -14.13
CA ALA C 142 -12.87 -31.45 -12.71
C ALA C 142 -11.65 -30.93 -11.97
N VAL C 143 -10.48 -31.53 -12.24
CA VAL C 143 -9.24 -31.07 -11.64
C VAL C 143 -8.93 -29.62 -12.00
N GLU C 144 -9.12 -29.25 -13.27
CA GLU C 144 -8.97 -27.83 -13.70
C GLU C 144 -9.84 -26.94 -12.82
N THR C 145 -11.04 -27.41 -12.52
CA THR C 145 -11.96 -26.70 -11.66
C THR C 145 -11.43 -26.56 -10.23
N LEU C 146 -10.78 -27.59 -9.71
CA LEU C 146 -10.14 -27.53 -8.39
C LEU C 146 -8.96 -26.52 -8.36
N VAL C 147 -8.20 -26.45 -9.45
CA VAL C 147 -7.12 -25.47 -9.55
C VAL C 147 -7.68 -24.05 -9.43
N GLU C 148 -8.86 -23.83 -10.01
CA GLU C 148 -9.50 -22.53 -9.93
C GLU C 148 -10.03 -22.23 -8.54
N LEU C 149 -10.60 -23.22 -7.87
CA LEU C 149 -11.02 -23.05 -6.48
C LEU C 149 -9.84 -22.79 -5.55
N ALA C 150 -8.74 -23.49 -5.80
CA ALA C 150 -7.53 -23.27 -5.02
C ALA C 150 -7.08 -21.83 -5.19
N SER C 151 -7.08 -21.32 -6.42
CA SER C 151 -6.71 -19.93 -6.68
C SER C 151 -7.59 -18.97 -5.91
N LEU C 152 -8.86 -19.34 -5.81
CA LEU C 152 -9.84 -18.50 -5.16
C LEU C 152 -9.66 -18.44 -3.66
N GLN C 153 -9.39 -19.60 -3.05
CA GLN C 153 -9.12 -19.62 -1.62
C GLN C 153 -7.83 -18.88 -1.35
N THR C 154 -6.81 -19.15 -2.14
CA THR C 154 -5.54 -18.45 -2.02
C THR C 154 -5.74 -16.94 -2.10
N ALA C 155 -6.60 -16.47 -3.00
CA ALA C 155 -6.91 -15.04 -3.11
C ALA C 155 -7.42 -14.48 -1.80
N PHE C 156 -8.43 -15.11 -1.23
CA PHE C 156 -8.98 -14.64 0.05
C PHE C 156 -7.97 -14.72 1.21
N ILE C 157 -7.14 -15.75 1.23
CA ILE C 157 -6.13 -15.84 2.27
C ILE C 157 -5.16 -14.66 2.18
N ILE C 158 -4.63 -14.41 1.01
CA ILE C 158 -3.75 -13.26 0.80
C ILE C 158 -4.49 -11.98 1.17
N LEU C 159 -5.68 -11.82 0.63
CA LEU C 159 -6.50 -10.67 0.93
C LEU C 159 -6.70 -10.47 2.42
N ASP C 160 -6.83 -11.57 3.16
CA ASP C 160 -6.94 -11.53 4.62
C ASP C 160 -5.69 -10.87 5.22
N GLU C 161 -4.52 -11.35 4.83
CA GLU C 161 -3.24 -10.83 5.34
C GLU C 161 -3.02 -9.36 4.98
N VAL C 162 -3.45 -8.97 3.79
CA VAL C 162 -3.35 -7.57 3.35
C VAL C 162 -4.16 -6.64 4.25
N ILE C 163 -5.40 -7.02 4.54
CA ILE C 163 -6.27 -6.26 5.44
C ILE C 163 -5.62 -6.11 6.81
N LYS C 164 -5.10 -7.20 7.35
CA LYS C 164 -4.46 -7.18 8.67
C LYS C 164 -3.32 -6.19 8.68
N VAL C 165 -2.40 -6.36 7.74
CA VAL C 165 -1.25 -5.47 7.60
C VAL C 165 -1.69 -4.01 7.42
N THR C 166 -2.59 -3.76 6.49
CA THR C 166 -3.07 -2.40 6.26
C THR C 166 -3.63 -1.76 7.53
N ASN C 167 -4.36 -2.52 8.34
CA ASN C 167 -4.90 -1.97 9.59
C ASN C 167 -3.82 -1.77 10.65
N ARG C 168 -2.73 -2.51 10.55
CA ARG C 168 -1.57 -2.31 11.42
C ARG C 168 -0.90 -0.97 11.11
N ARG C 169 -0.73 -0.65 9.83
CA ARG C 169 -0.15 0.63 9.42
C ARG C 169 -1.02 1.75 9.92
N VAL C 170 -2.33 1.65 9.67
CA VAL C 170 -3.26 2.72 10.01
C VAL C 170 -3.24 3.02 11.51
N ASN C 171 -3.15 1.98 12.33
CA ASN C 171 -3.06 2.17 13.79
C ASN C 171 -1.75 2.80 14.21
N ALA C 172 -0.65 2.36 13.60
CA ALA C 172 0.66 2.92 13.88
C ALA C 172 0.66 4.43 13.65
N ILE C 173 0.21 4.82 12.47
CA ILE C 173 0.09 6.23 12.11
C ILE C 173 -0.75 6.97 13.14
N GLU C 174 -1.93 6.43 13.42
CA GLU C 174 -2.91 7.08 14.28
C GLU C 174 -2.46 7.18 15.73
N HIS C 175 -1.47 6.39 16.14
CA HIS C 175 -1.06 6.40 17.55
C HIS C 175 -0.20 7.61 17.91
N VAL C 176 0.57 8.10 16.95
CA VAL C 176 1.55 9.15 17.24
C VAL C 176 1.54 10.28 16.23
N ILE C 177 1.82 9.96 14.97
CA ILE C 177 2.04 10.99 13.97
C ILE C 177 0.81 11.88 13.77
N ILE C 178 -0.37 11.27 13.74
CA ILE C 178 -1.60 12.05 13.58
C ILE C 178 -1.77 13.06 14.73
N PRO C 179 -1.88 12.57 15.99
CA PRO C 179 -2.02 13.50 17.12
C PRO C 179 -0.98 14.61 17.14
N ARG C 180 0.29 14.23 16.91
CA ARG C 180 1.40 15.16 16.96
C ARG C 180 1.23 16.24 15.90
N THR C 181 0.77 15.85 14.72
CA THR C 181 0.57 16.79 13.64
C THR C 181 -0.61 17.69 13.98
N GLU C 182 -1.66 17.12 14.56
CA GLU C 182 -2.84 17.90 14.94
C GLU C 182 -2.54 19.00 15.95
N ASN C 183 -1.66 18.71 16.90
CA ASN C 183 -1.24 19.69 17.87
C ASN C 183 -0.42 20.78 17.23
N THR C 184 0.65 20.36 16.56
CA THR C 184 1.56 21.32 15.95
C THR C 184 0.79 22.31 15.09
N ILE C 185 -0.19 21.83 14.32
CA ILE C 185 -0.93 22.71 13.44
C ILE C 185 -1.91 23.62 14.19
N ALA C 186 -2.46 23.12 15.29
CA ALA C 186 -3.31 23.95 16.15
C ALA C 186 -2.49 25.08 16.73
N TYR C 187 -1.34 24.71 17.28
CA TYR C 187 -0.38 25.65 17.87
C TYR C 187 0.02 26.71 16.85
N ILE C 188 0.38 26.27 15.65
CA ILE C 188 0.79 27.19 14.61
C ILE C 188 -0.30 28.20 14.28
N ASN C 189 -1.54 27.74 14.20
CA ASN C 189 -2.64 28.66 13.93
C ASN C 189 -2.86 29.68 15.04
N SER C 190 -2.67 29.28 16.30
CA SER C 190 -2.77 30.21 17.42
C SER C 190 -1.72 31.31 17.36
N GLU C 191 -0.49 30.94 17.02
CA GLU C 191 0.59 31.92 16.85
C GLU C 191 0.23 32.96 15.80
N LEU C 192 -0.35 32.50 14.71
CA LEU C 192 -0.69 33.36 13.60
C LEU C 192 -1.90 34.24 13.92
N ASP C 193 -2.84 33.70 14.69
CA ASP C 193 -3.98 34.50 15.13
C ASP C 193 -3.50 35.65 15.98
N GLU C 194 -2.58 35.38 16.89
CA GLU C 194 -2.07 36.42 17.76
C GLU C 194 -1.32 37.46 16.97
N LEU C 195 -0.53 37.04 15.99
CA LEU C 195 0.21 37.99 15.16
C LEU C 195 -0.76 38.85 14.37
N ASP C 196 -1.80 38.23 13.85
CA ASP C 196 -2.83 38.95 13.11
C ASP C 196 -3.46 40.00 14.01
N ARG C 197 -3.80 39.59 15.22
CA ARG C 197 -4.39 40.48 16.23
C ARG C 197 -3.45 41.63 16.57
N GLU C 198 -2.17 41.35 16.72
CA GLU C 198 -1.20 42.37 17.12
C GLU C 198 -0.93 43.40 16.02
N GLU C 199 -1.15 43.00 14.77
CA GLU C 199 -1.05 43.90 13.64
C GLU C 199 -2.28 44.80 13.53
N PHE C 200 -3.46 44.19 13.70
CA PHE C 200 -4.78 44.85 13.68
C PHE C 200 -5.03 45.77 14.89
N TYR C 201 -4.11 45.83 15.85
CA TYR C 201 -4.15 46.83 16.91
C TYR C 201 -4.23 48.25 16.31
N ARG C 202 -3.94 48.42 15.00
CA ARG C 202 -3.88 49.75 14.35
C ARG C 202 -5.15 50.62 14.44
N LEU C 203 -5.07 51.67 15.27
CA LEU C 203 -6.13 52.69 15.43
C LEU C 203 -5.52 54.09 15.51
N ALA D 2 7.55 -19.81 -4.29
CA ALA D 2 6.43 -19.98 -5.26
C ALA D 2 6.87 -20.76 -6.50
N GLU D 3 7.98 -20.35 -7.12
CA GLU D 3 8.46 -20.94 -8.38
C GLU D 3 8.75 -22.44 -8.35
N LYS D 4 9.09 -22.97 -7.18
CA LYS D 4 9.39 -24.39 -7.03
C LYS D 4 8.12 -25.24 -6.90
N ARG D 5 7.00 -24.61 -6.54
CA ARG D 5 5.75 -25.31 -6.24
C ARG D 5 4.91 -25.59 -7.49
N THR D 6 4.98 -26.83 -7.98
CA THR D 6 4.29 -27.18 -9.22
C THR D 6 3.37 -28.41 -9.15
N LEU D 7 3.40 -29.16 -8.05
CA LEU D 7 2.61 -30.39 -7.95
C LEU D 7 1.33 -30.22 -7.17
N ILE D 8 0.36 -31.09 -7.46
CA ILE D 8 -0.84 -31.20 -6.66
C ILE D 8 -0.70 -32.47 -5.84
N ALA D 9 -0.75 -32.35 -4.52
CA ALA D 9 -0.66 -33.51 -3.66
C ALA D 9 -2.04 -33.91 -3.20
N VAL D 10 -2.19 -35.19 -2.85
CA VAL D 10 -3.49 -35.71 -2.43
C VAL D 10 -3.40 -36.52 -1.15
N ILE D 11 -4.34 -36.30 -0.24
CA ILE D 11 -4.59 -37.21 0.87
C ILE D 11 -6.07 -37.54 0.82
N ALA D 12 -6.40 -38.74 0.37
CA ALA D 12 -7.78 -39.04 0.03
C ALA D 12 -8.04 -40.52 -0.07
N ASP D 13 -9.32 -40.87 -0.11
CA ASP D 13 -9.76 -42.25 -0.15
C ASP D 13 -9.45 -42.89 -1.51
N GLU D 14 -9.84 -44.16 -1.64
CA GLU D 14 -9.54 -44.95 -2.81
C GLU D 14 -10.08 -44.32 -4.09
N ASP D 15 -11.38 -44.01 -4.10
CA ASP D 15 -12.07 -43.53 -5.32
C ASP D 15 -11.57 -42.18 -5.75
N THR D 16 -11.51 -41.25 -4.81
CA THR D 16 -11.03 -39.90 -5.07
C THR D 16 -9.63 -39.93 -5.66
N THR D 17 -8.73 -40.68 -5.02
CA THR D 17 -7.36 -40.80 -5.49
C THR D 17 -7.28 -41.37 -6.89
N THR D 18 -8.04 -42.42 -7.18
CA THR D 18 -7.99 -43.02 -8.51
C THR D 18 -8.37 -42.01 -9.59
N GLY D 19 -9.40 -41.21 -9.31
CA GLY D 19 -9.85 -40.21 -10.26
C GLY D 19 -8.79 -39.16 -10.55
N LEU D 20 -8.19 -38.64 -9.48
CA LEU D 20 -7.18 -37.61 -9.62
C LEU D 20 -5.96 -38.14 -10.36
N LEU D 21 -5.58 -39.37 -10.07
CA LEU D 21 -4.41 -39.96 -10.73
C LEU D 21 -4.63 -40.10 -12.22
N LEU D 22 -5.87 -40.42 -12.60
CA LEU D 22 -6.27 -40.45 -14.00
C LEU D 22 -6.11 -39.11 -14.71
N ALA D 23 -6.49 -38.03 -14.03
CA ALA D 23 -6.30 -36.69 -14.56
C ALA D 23 -4.82 -36.35 -14.82
N GLY D 24 -3.92 -37.05 -14.15
CA GLY D 24 -2.48 -36.98 -14.45
C GLY D 24 -1.65 -36.21 -13.43
N ILE D 25 -2.17 -36.05 -12.22
CA ILE D 25 -1.49 -35.24 -11.21
C ILE D 25 -0.41 -35.98 -10.44
N GLY D 26 -0.40 -37.31 -10.52
CA GLY D 26 0.51 -38.12 -9.72
C GLY D 26 1.96 -38.09 -10.18
N GLN D 27 2.88 -38.25 -9.24
CA GLN D 27 4.29 -38.24 -9.57
C GLN D 27 5.15 -38.97 -8.54
N ILE D 28 6.12 -39.73 -9.07
CA ILE D 28 7.03 -40.53 -8.27
C ILE D 28 8.44 -39.97 -8.42
N THR D 29 9.05 -39.50 -7.34
CA THR D 29 10.44 -39.08 -7.38
C THR D 29 11.31 -40.31 -7.63
N PRO D 30 11.98 -40.39 -8.80
CA PRO D 30 12.67 -41.63 -9.17
C PRO D 30 13.77 -42.07 -8.19
N GLU D 31 14.51 -41.12 -7.63
CA GLU D 31 15.60 -41.45 -6.71
C GLU D 31 15.07 -41.91 -5.35
N THR D 32 14.10 -41.17 -4.79
CA THR D 32 13.58 -41.46 -3.45
C THR D 32 12.46 -42.49 -3.45
N GLN D 33 11.86 -42.75 -4.61
CA GLN D 33 10.67 -43.59 -4.73
C GLN D 33 9.43 -43.04 -4.00
N GLU D 34 9.46 -41.76 -3.68
CA GLU D 34 8.44 -41.10 -2.90
C GLU D 34 7.28 -40.68 -3.82
N LYS D 35 6.08 -40.61 -3.26
CA LYS D 35 4.87 -40.24 -4.02
C LYS D 35 4.24 -38.93 -3.52
N ASN D 36 3.37 -38.35 -4.32
CA ASN D 36 2.64 -37.13 -3.93
C ASN D 36 1.17 -37.42 -3.65
N PHE D 37 0.87 -38.66 -3.30
CA PHE D 37 -0.48 -39.04 -2.94
C PHE D 37 -0.46 -40.16 -1.91
N PHE D 38 -1.47 -40.17 -1.06
CA PHE D 38 -1.56 -41.15 0.00
C PHE D 38 -3.01 -41.57 0.11
N VAL D 39 -3.29 -42.85 -0.19
CA VAL D 39 -4.67 -43.33 -0.07
C VAL D 39 -5.03 -43.63 1.39
N TYR D 40 -6.27 -43.31 1.74
CA TYR D 40 -6.78 -43.41 3.10
C TYR D 40 -7.88 -44.45 3.14
N GLN D 41 -7.98 -45.15 4.27
CA GLN D 41 -9.02 -46.13 4.48
C GLN D 41 -9.68 -45.89 5.82
N GLU D 42 -11.01 -45.82 5.84
CA GLU D 42 -11.75 -45.32 7.00
C GLU D 42 -11.54 -46.10 8.29
N GLY D 43 -11.54 -47.42 8.27
CA GLY D 43 -11.25 -48.17 9.51
C GLY D 43 -9.78 -48.15 9.93
N LYS D 44 -8.88 -48.17 8.93
CA LYS D 44 -7.51 -48.64 9.07
C LYS D 44 -6.47 -47.55 9.29
N THR D 45 -6.64 -46.40 8.65
CA THR D 45 -5.60 -45.37 8.67
C THR D 45 -5.63 -44.61 9.99
N THR D 46 -4.48 -44.55 10.68
CA THR D 46 -4.40 -43.93 12.01
C THR D 46 -4.25 -42.42 11.94
N LYS D 47 -4.78 -41.71 12.94
CA LYS D 47 -4.63 -40.25 13.04
C LYS D 47 -3.17 -39.81 12.97
N GLU D 48 -2.28 -40.61 13.53
CA GLU D 48 -0.87 -40.27 13.59
C GLU D 48 -0.27 -40.35 12.19
N GLU D 49 -0.74 -41.31 11.41
CA GLU D 49 -0.26 -41.54 10.05
C GLU D 49 -0.73 -40.45 9.07
N ILE D 50 -1.93 -39.92 9.29
CA ILE D 50 -2.45 -38.80 8.50
C ILE D 50 -1.65 -37.53 8.79
N THR D 51 -1.36 -37.30 10.07
CA THR D 51 -0.62 -36.12 10.51
C THR D 51 0.78 -36.11 9.91
N ASP D 52 1.39 -37.29 9.83
CA ASP D 52 2.70 -37.41 9.20
C ASP D 52 2.63 -36.92 7.76
N LYS D 53 1.70 -37.47 7.00
CA LYS D 53 1.57 -37.11 5.59
C LYS D 53 1.20 -35.65 5.39
N PHE D 54 0.26 -35.15 6.19
CA PHE D 54 -0.10 -33.74 6.12
C PHE D 54 1.13 -32.87 6.33
N ASN D 55 1.86 -33.11 7.41
CA ASN D 55 3.08 -32.34 7.69
C ASN D 55 4.07 -32.46 6.56
N HIS D 56 4.16 -33.66 6.01
CA HIS D 56 5.12 -33.93 4.96
C HIS D 56 4.85 -33.12 3.68
N PHE D 57 3.60 -33.11 3.24
CA PHE D 57 3.23 -32.35 2.04
C PHE D 57 3.21 -30.84 2.30
N THR D 58 2.92 -30.44 3.53
CA THR D 58 2.73 -29.02 3.84
C THR D 58 4.04 -28.31 4.23
N GLU D 59 4.90 -28.99 5.01
CA GLU D 59 6.11 -28.37 5.53
C GLU D 59 7.42 -29.03 5.13
N GLU D 60 7.43 -30.34 4.97
CA GLU D 60 8.67 -31.06 4.62
C GLU D 60 9.01 -30.98 3.12
N ARG D 61 8.02 -30.73 2.28
CA ARG D 61 8.24 -30.66 0.83
C ARG D 61 8.02 -29.26 0.30
N ASP D 62 8.95 -28.81 -0.53
CA ASP D 62 8.93 -27.45 -1.06
C ASP D 62 8.23 -27.34 -2.41
N ASP D 63 7.75 -28.45 -2.97
CA ASP D 63 7.27 -28.47 -4.37
C ASP D 63 5.76 -28.66 -4.56
N ILE D 64 5.00 -28.78 -3.47
CA ILE D 64 3.55 -28.92 -3.54
C ILE D 64 2.88 -27.54 -3.61
N ALA D 65 2.00 -27.34 -4.58
CA ALA D 65 1.30 -26.07 -4.74
C ALA D 65 -0.10 -26.12 -4.15
N ILE D 66 -0.79 -27.24 -4.34
CA ILE D 66 -2.13 -27.43 -3.82
C ILE D 66 -2.21 -28.81 -3.19
N LEU D 67 -2.77 -28.89 -1.99
CA LEU D 67 -3.03 -30.15 -1.32
C LEU D 67 -4.52 -30.39 -1.27
N LEU D 68 -4.99 -31.43 -1.97
CA LEU D 68 -6.39 -31.84 -1.90
C LEU D 68 -6.54 -32.86 -0.81
N ILE D 69 -7.64 -32.77 -0.07
CA ILE D 69 -7.87 -33.64 1.06
C ILE D 69 -9.37 -33.80 1.27
N ASN D 70 -9.81 -35.03 1.52
CA ASN D 70 -11.22 -35.26 1.81
C ASN D 70 -11.57 -34.59 3.10
N GLN D 71 -12.71 -33.89 3.13
CA GLN D 71 -13.08 -33.14 4.32
C GLN D 71 -13.10 -34.06 5.54
N HIS D 72 -13.71 -35.23 5.39
CA HIS D 72 -13.79 -36.17 6.47
C HIS D 72 -12.42 -36.49 7.07
N ILE D 73 -11.41 -36.63 6.22
CA ILE D 73 -10.05 -36.92 6.66
C ILE D 73 -9.46 -35.74 7.42
N ALA D 74 -9.68 -34.55 6.89
CA ALA D 74 -9.19 -33.34 7.51
C ALA D 74 -9.86 -33.12 8.85
N GLU D 75 -11.12 -33.52 8.95
CA GLU D 75 -11.86 -33.46 10.21
C GLU D 75 -11.19 -34.26 11.32
N ASN D 76 -10.55 -35.36 10.97
CA ASN D 76 -9.79 -36.14 11.96
C ASN D 76 -8.62 -35.36 12.55
N ILE D 77 -8.11 -34.40 11.81
CA ILE D 77 -6.95 -33.63 12.27
C ILE D 77 -7.23 -32.13 12.20
N ARG D 78 -8.48 -31.74 12.40
CA ARG D 78 -8.89 -30.34 12.34
C ARG D 78 -7.99 -29.39 13.13
N ALA D 79 -7.51 -29.85 14.29
CA ALA D 79 -6.57 -29.08 15.10
C ALA D 79 -5.38 -28.65 14.25
N ARG D 80 -4.73 -29.62 13.63
CA ARG D 80 -3.57 -29.39 12.81
C ARG D 80 -3.90 -28.56 11.57
N VAL D 81 -5.08 -28.78 10.99
CA VAL D 81 -5.45 -28.11 9.75
C VAL D 81 -5.77 -26.64 10.00
N ASP D 82 -6.56 -26.36 11.04
CA ASP D 82 -6.89 -24.98 11.44
C ASP D 82 -5.61 -24.19 11.74
N SER D 83 -4.65 -24.83 12.40
CA SER D 83 -3.41 -24.16 12.77
C SER D 83 -2.53 -23.83 11.56
N PHE D 84 -2.67 -24.57 10.46
CA PHE D 84 -1.89 -24.27 9.27
C PHE D 84 -2.46 -23.05 8.54
N THR D 85 -1.67 -22.00 8.41
CA THR D 85 -2.15 -20.73 7.85
C THR D 85 -1.37 -20.20 6.65
N ASN D 86 -0.26 -20.85 6.27
CA ASN D 86 0.53 -20.34 5.14
C ASN D 86 -0.28 -20.40 3.85
N ALA D 87 0.00 -19.50 2.91
CA ALA D 87 -0.72 -19.48 1.65
C ALA D 87 -0.41 -20.70 0.79
N PHE D 88 0.75 -21.32 1.02
CA PHE D 88 1.21 -22.45 0.23
C PHE D 88 1.65 -23.62 1.13
N PRO D 89 1.28 -24.85 0.76
CA PRO D 89 0.33 -25.15 -0.31
C PRO D 89 -1.08 -24.68 0.05
N ALA D 90 -1.86 -24.33 -0.96
CA ALA D 90 -3.26 -24.00 -0.77
C ALA D 90 -3.94 -25.29 -0.40
N ILE D 91 -4.80 -25.25 0.60
CA ILE D 91 -5.43 -26.46 1.09
C ILE D 91 -6.90 -26.47 0.75
N LEU D 92 -7.34 -27.56 0.12
CA LEU D 92 -8.68 -27.68 -0.41
C LEU D 92 -9.31 -28.92 0.15
N GLU D 93 -10.29 -28.72 1.02
CA GLU D 93 -11.08 -29.80 1.54
C GLU D 93 -12.19 -30.06 0.54
N ILE D 94 -12.36 -31.31 0.14
CA ILE D 94 -13.43 -31.70 -0.77
C ILE D 94 -14.25 -32.82 -0.14
N PRO D 95 -15.53 -32.94 -0.51
CA PRO D 95 -16.34 -34.01 0.03
C PRO D 95 -15.86 -35.38 -0.40
N SER D 96 -16.41 -36.41 0.23
CA SER D 96 -16.23 -37.79 -0.18
C SER D 96 -17.55 -38.53 -0.10
N LYS D 97 -17.57 -39.77 -0.58
CA LYS D 97 -18.79 -40.57 -0.53
C LYS D 97 -19.16 -40.91 0.92
N ASP D 98 -20.43 -40.73 1.25
CA ASP D 98 -20.97 -40.96 2.61
C ASP D 98 -20.71 -39.82 3.60
N HIS D 99 -20.10 -38.74 3.11
CA HIS D 99 -19.64 -37.64 3.93
C HIS D 99 -19.87 -36.36 3.17
N PRO D 100 -21.11 -35.87 3.16
CA PRO D 100 -21.37 -34.65 2.43
C PRO D 100 -20.60 -33.47 3.02
N TYR D 101 -20.40 -32.45 2.21
CA TYR D 101 -19.56 -31.33 2.57
C TYR D 101 -20.30 -30.40 3.52
N ASP D 102 -19.77 -30.24 4.74
CA ASP D 102 -20.18 -29.20 5.67
C ASP D 102 -19.34 -27.94 5.46
N PRO D 103 -19.97 -26.81 5.11
CA PRO D 103 -19.23 -25.56 4.94
C PRO D 103 -18.48 -25.18 6.21
N GLU D 104 -19.18 -25.26 7.33
CA GLU D 104 -18.70 -24.74 8.59
C GLU D 104 -17.55 -25.50 9.24
N LYS D 105 -17.32 -26.73 8.82
CA LYS D 105 -16.14 -27.48 9.27
C LYS D 105 -14.86 -26.98 8.56
N ASP D 106 -15.03 -26.51 7.32
CA ASP D 106 -13.92 -26.16 6.40
C ASP D 106 -13.05 -25.03 6.93
N SER D 107 -11.77 -25.31 7.15
CA SER D 107 -10.90 -24.40 7.92
C SER D 107 -10.63 -23.11 7.15
N VAL D 108 -10.25 -23.23 5.88
CA VAL D 108 -10.07 -22.06 5.03
C VAL D 108 -11.37 -21.26 4.96
N LEU D 109 -12.47 -21.95 4.74
CA LEU D 109 -13.76 -21.29 4.59
C LEU D 109 -14.20 -20.58 5.90
N LYS D 110 -13.79 -21.09 7.06
CA LYS D 110 -14.05 -20.42 8.34
C LYS D 110 -13.31 -19.09 8.40
N ARG D 111 -12.00 -19.19 8.17
CA ARG D 111 -11.09 -18.04 8.17
C ARG D 111 -11.58 -16.95 7.22
N VAL D 112 -12.00 -17.33 6.03
CA VAL D 112 -12.53 -16.39 5.06
C VAL D 112 -13.88 -15.81 5.48
N ARG D 113 -14.73 -16.63 6.11
CA ARG D 113 -16.01 -16.15 6.62
C ARG D 113 -15.79 -15.05 7.66
N LYS D 114 -14.91 -15.32 8.63
CA LYS D 114 -14.47 -14.32 9.61
C LYS D 114 -13.74 -13.26 8.81
N LEU D 115 -14.02 -11.99 9.09
CA LEU D 115 -13.44 -10.84 8.35
C LEU D 115 -14.21 -10.43 7.12
N PHE D 116 -15.18 -11.23 6.71
CA PHE D 116 -15.87 -11.06 5.44
C PHE D 116 -15.42 -9.87 4.58
C1 GOL E . 21.46 39.71 11.03
O1 GOL E . 21.35 40.93 11.78
C2 GOL E . 21.86 39.99 9.57
O2 GOL E . 23.28 40.02 9.47
C3 GOL E . 21.32 38.91 8.60
O3 GOL E . 20.04 39.18 7.98
C1 GOL F . 26.03 32.52 -6.41
O1 GOL F . 26.81 31.71 -5.53
C2 GOL F . 26.87 33.66 -6.93
O2 GOL F . 27.78 33.15 -7.93
C3 GOL F . 25.99 34.77 -7.52
O3 GOL F . 26.72 36.01 -7.62
C1 GOL G . 4.15 18.12 21.47
O1 GOL G . 3.26 17.35 22.29
C2 GOL G . 3.94 17.79 19.99
O2 GOL G . 2.53 17.71 19.70
C3 GOL G . 4.61 18.84 19.09
O3 GOL G . 5.69 18.31 18.33
#